data_7F6S
#
_entry.id   7F6S
#
_cell.length_a   44.290
_cell.length_b   108.850
_cell.length_c   163.570
_cell.angle_alpha   90.000
_cell.angle_beta   90.000
_cell.angle_gamma   90.000
#
_symmetry.space_group_name_H-M   'I 2 2 2'
#
loop_
_entity.id
_entity.type
_entity.pdbx_description
1 polymer 'Iron ABC transporter, periplasmic iron-binding protein'
2 non-polymer 'SODIUM ION'
3 non-polymer 'CHLORIDE ION'
4 non-polymer 'CARBON DIOXIDE'
5 non-polymer 1,2-ETHANEDIOL
6 non-polymer DI(HYDROXYETHYL)ETHER
7 non-polymer GLYCEROL
8 non-polymer 'GLYCOLIC ACID'
9 water water
#
_entity_poly.entity_id   1
_entity_poly.type   'polypeptide(L)'
_entity_poly.pdbx_seq_one_letter_code
;MMQQSRPASDPQVVEAARKEGRLIIYSSTDQSSAQALLDDFRKLYPFIQIEYNDLGTQAIYDRFVSETAAGASSADLLWS
SAMELQVKLASEGYALPYDSPEAKNWPANARLGNLAYSTTLEPAVVVYNKRFLKPEEVPTTREGLARLLQEPRMRGRVAT
WDPERSAVGFTILKADYDRFPAFQELARAFGKAQAALYSSAGAAFEKVISGEHYLAYGFFGSYALLRQRTVKDLGIAYLT
DGTVAIQRVAFINKRAAHPNAAKLFLDYLLSLRGQNLMAYTALIFARRETVVGEATPQALYKAVGGKDKVYAIPVSTEIL
KNLDPAERMRFLTFWRQAVRGQ
;
_entity_poly.pdbx_strand_id   A
#
# COMPACT_ATOMS: atom_id res chain seq x y z
N MET A 2 4.67 12.98 25.29
CA MET A 2 3.31 12.34 25.12
C MET A 2 3.36 10.96 25.79
N GLN A 3 3.62 10.90 27.09
CA GLN A 3 3.71 9.63 27.87
C GLN A 3 2.36 8.89 27.82
N GLN A 4 1.22 9.62 27.85
CA GLN A 4 -0.12 8.98 27.80
C GLN A 4 -0.34 8.20 26.49
N SER A 5 0.45 8.36 25.40
CA SER A 5 0.22 7.61 24.12
C SER A 5 1.27 6.51 23.80
N ARG A 6 2.02 5.99 24.79
CA ARG A 6 3.01 4.89 24.61
C ARG A 6 2.31 3.61 24.14
N PRO A 7 2.84 2.79 23.23
CA PRO A 7 2.16 1.52 22.85
C PRO A 7 2.00 0.60 24.04
N ALA A 8 0.90 -0.18 24.08
CA ALA A 8 0.71 -1.27 25.06
C ALA A 8 1.90 -2.23 24.89
N SER A 9 2.51 -2.72 25.95
CA SER A 9 3.76 -3.51 25.92
C SER A 9 3.72 -4.55 27.01
N ASP A 10 4.13 -5.76 26.74
CA ASP A 10 4.41 -6.70 27.85
C ASP A 10 5.75 -6.30 28.46
N PRO A 11 5.83 -6.07 29.79
CA PRO A 11 7.09 -5.79 30.50
C PRO A 11 8.20 -6.82 30.22
N GLN A 12 7.87 -8.10 30.06
CA GLN A 12 8.85 -9.18 29.74
C GLN A 12 9.41 -8.94 28.35
N VAL A 13 8.59 -8.48 27.40
CA VAL A 13 9.05 -8.19 26.00
C VAL A 13 10.05 -7.04 26.05
N VAL A 14 9.65 -5.96 26.70
CA VAL A 14 10.51 -4.76 26.85
C VAL A 14 11.84 -5.22 27.48
N GLU A 15 11.81 -5.97 28.58
CA GLU A 15 13.07 -6.41 29.24
C GLU A 15 13.89 -7.24 28.25
N ALA A 16 13.29 -8.14 27.49
CA ALA A 16 14.06 -8.96 26.54
C ALA A 16 14.63 -8.09 25.40
N ALA A 17 13.89 -7.05 24.95
CA ALA A 17 14.34 -6.10 23.92
C ALA A 17 15.56 -5.29 24.42
N ARG A 18 15.57 -4.89 25.69
CA ARG A 18 16.76 -4.21 26.26
C ARG A 18 17.99 -5.11 26.09
N LYS A 19 17.88 -6.39 26.35
CA LYS A 19 19.05 -7.28 26.20
C LYS A 19 19.43 -7.45 24.74
N GLU A 20 18.49 -7.51 23.81
CA GLU A 20 18.81 -7.62 22.36
C GLU A 20 19.49 -6.32 21.86
N GLY A 21 18.87 -5.16 22.11
CA GLY A 21 19.40 -3.81 21.80
C GLY A 21 19.53 -3.52 20.32
N ARG A 22 19.02 -4.38 19.44
CA ARG A 22 19.12 -4.22 17.97
C ARG A 22 17.82 -4.66 17.31
N LEU A 23 17.56 -4.05 16.14
CA LEU A 23 16.41 -4.32 15.27
C LEU A 23 16.79 -4.14 13.79
N ILE A 24 16.71 -5.19 13.00
CA ILE A 24 16.98 -5.15 11.55
C ILE A 24 15.62 -5.26 10.82
N ILE A 25 15.33 -4.25 10.08
CA ILE A 25 14.09 -4.14 9.25
C ILE A 25 14.42 -4.24 7.77
N TYR A 26 13.69 -5.04 7.04
CA TYR A 26 13.69 -5.00 5.57
C TYR A 26 12.34 -4.44 5.19
N SER A 27 12.36 -3.31 4.50
CA SER A 27 11.12 -2.57 4.20
C SER A 27 11.10 -1.99 2.78
N SER A 28 9.93 -2.00 2.18
CA SER A 28 9.64 -1.37 0.88
C SER A 28 9.40 0.15 1.03
N THR A 29 9.11 0.59 2.25
CA THR A 29 8.81 2.02 2.52
C THR A 29 10.10 2.85 2.46
N ASP A 30 10.11 3.86 1.60
CA ASP A 30 11.24 4.82 1.46
C ASP A 30 11.69 5.29 2.84
N GLN A 31 13.00 5.24 3.13
CA GLN A 31 13.49 5.61 4.46
C GLN A 31 13.07 7.06 4.80
N SER A 32 13.10 7.97 3.84
CA SER A 32 12.76 9.37 4.13
C SER A 32 11.27 9.51 4.51
N SER A 33 10.37 8.61 4.10
CA SER A 33 8.98 8.57 4.59
C SER A 33 8.96 7.88 5.95
N ALA A 34 9.79 6.85 6.20
CA ALA A 34 9.73 6.06 7.44
C ALA A 34 10.51 6.81 8.54
N GLN A 35 11.25 7.86 8.18
CA GLN A 35 12.27 8.37 9.14
C GLN A 35 11.61 8.85 10.44
N ALA A 36 10.48 9.55 10.36
CA ALA A 36 9.81 10.10 11.57
C ALA A 36 9.38 8.98 12.53
N LEU A 37 8.87 7.87 12.00
CA LEU A 37 8.52 6.67 12.81
C LEU A 37 9.78 6.12 13.46
N LEU A 38 10.85 5.95 12.70
CA LEU A 38 12.08 5.40 13.30
C LEU A 38 12.57 6.33 14.43
N ASP A 39 12.60 7.66 14.19
CA ASP A 39 13.06 8.66 15.19
C ASP A 39 12.13 8.58 16.42
N ASP A 40 10.82 8.50 16.24
CA ASP A 40 9.89 8.41 17.40
C ASP A 40 9.96 7.05 18.11
N PHE A 41 10.22 5.97 17.41
CA PHE A 41 10.37 4.65 18.08
C PHE A 41 11.62 4.65 19.00
N ARG A 42 12.69 5.24 18.52
CA ARG A 42 13.96 5.34 19.30
C ARG A 42 13.76 6.26 20.52
N LYS A 43 12.87 7.26 20.47
CA LYS A 43 12.58 8.09 21.67
C LYS A 43 11.85 7.27 22.72
N LEU A 44 10.92 6.44 22.28
CA LEU A 44 10.22 5.49 23.15
C LEU A 44 11.20 4.48 23.70
N TYR A 45 12.07 3.89 22.85
CA TYR A 45 12.99 2.77 23.27
C TYR A 45 14.41 3.13 22.87
N PRO A 46 15.05 4.07 23.61
CA PRO A 46 16.37 4.55 23.23
C PRO A 46 17.51 3.51 23.21
N PHE A 47 17.30 2.40 23.88
CA PHE A 47 18.27 1.28 24.01
C PHE A 47 18.36 0.45 22.73
N ILE A 48 17.52 0.67 21.69
CA ILE A 48 17.51 -0.16 20.45
C ILE A 48 18.27 0.57 19.33
N GLN A 49 19.26 -0.07 18.71
CA GLN A 49 19.86 0.37 17.43
C GLN A 49 19.09 -0.26 16.27
N ILE A 50 18.67 0.57 15.31
CA ILE A 50 17.90 0.14 14.13
C ILE A 50 18.78 0.12 12.88
N GLU A 51 18.67 -0.94 12.14
CA GLU A 51 19.20 -1.01 10.77
C GLU A 51 18.00 -1.08 9.86
N TYR A 52 17.76 -0.01 9.10
CA TYR A 52 16.59 0.05 8.20
C TYR A 52 17.17 -0.17 6.83
N ASN A 53 16.75 -1.25 6.22
CA ASN A 53 17.10 -1.64 4.84
C ASN A 53 15.91 -1.35 3.96
N ASP A 54 16.03 -0.31 3.14
CA ASP A 54 14.98 0.11 2.20
C ASP A 54 15.20 -0.63 0.87
N LEU A 55 14.32 -1.53 0.47
CA LEU A 55 14.57 -2.47 -0.66
C LEU A 55 13.33 -2.51 -1.54
N GLY A 56 13.44 -2.86 -2.82
CA GLY A 56 12.28 -3.15 -3.65
C GLY A 56 11.59 -4.42 -3.11
N THR A 57 10.31 -4.50 -3.37
CA THR A 57 9.46 -5.62 -2.82
C THR A 57 9.99 -6.97 -3.30
N GLN A 58 10.42 -7.08 -4.57
CA GLN A 58 10.91 -8.41 -5.04
C GLN A 58 12.25 -8.70 -4.39
N ALA A 59 13.11 -7.69 -4.22
CA ALA A 59 14.40 -7.79 -3.51
C ALA A 59 14.24 -8.31 -2.09
N ILE A 60 13.31 -7.73 -1.31
CA ILE A 60 13.01 -8.20 0.07
C ILE A 60 12.74 -9.71 0.01
N TYR A 61 11.82 -10.15 -0.85
CA TYR A 61 11.41 -11.58 -0.91
C TYR A 61 12.63 -12.46 -1.23
N ASP A 62 13.36 -12.09 -2.26
CA ASP A 62 14.47 -12.89 -2.82
C ASP A 62 15.56 -12.95 -1.73
N ARG A 63 15.89 -11.83 -1.12
CA ARG A 63 16.96 -11.79 -0.12
C ARG A 63 16.65 -12.59 1.14
N PHE A 64 15.42 -12.42 1.63
CA PHE A 64 15.00 -13.07 2.87
C PHE A 64 14.96 -14.56 2.60
N VAL A 65 14.41 -15.01 1.49
CA VAL A 65 14.30 -16.47 1.17
C VAL A 65 15.70 -17.06 1.01
N SER A 66 16.59 -16.29 0.37
CA SER A 66 17.96 -16.74 0.09
C SER A 66 18.71 -16.82 1.43
N GLU A 67 18.69 -15.77 2.22
CA GLU A 67 19.42 -15.80 3.51
C GLU A 67 18.87 -16.90 4.42
N THR A 68 17.54 -17.05 4.42
CA THR A 68 17.02 -18.08 5.33
C THR A 68 17.57 -19.46 4.90
N ALA A 69 17.48 -19.77 3.60
CA ALA A 69 17.87 -21.08 3.00
C ALA A 69 19.35 -21.34 3.30
N ALA A 70 20.17 -20.28 3.28
CA ALA A 70 21.61 -20.33 3.65
C ALA A 70 21.82 -20.37 5.17
N GLY A 71 20.80 -20.42 5.99
CA GLY A 71 20.98 -20.40 7.46
C GLY A 71 21.58 -19.10 8.00
N ALA A 72 21.57 -18.01 7.24
CA ALA A 72 22.25 -16.74 7.57
C ALA A 72 21.40 -15.88 8.52
N SER A 73 22.02 -14.97 9.27
CA SER A 73 21.25 -13.91 9.99
C SER A 73 20.51 -13.06 8.94
N SER A 74 19.20 -12.89 9.10
CA SER A 74 18.41 -12.07 8.17
C SER A 74 17.73 -10.97 9.01
N ALA A 75 16.67 -10.43 8.45
CA ALA A 75 15.87 -9.41 9.15
C ALA A 75 15.13 -9.92 10.40
N ASP A 76 14.81 -9.00 11.32
CA ASP A 76 13.88 -9.30 12.42
C ASP A 76 12.45 -9.05 11.95
N LEU A 77 12.23 -8.04 11.13
CA LEU A 77 10.87 -7.60 10.78
C LEU A 77 10.84 -7.25 9.30
N LEU A 78 9.82 -7.73 8.59
CA LEU A 78 9.65 -7.50 7.15
C LEU A 78 8.40 -6.63 6.99
N TRP A 79 8.49 -5.56 6.26
CA TRP A 79 7.38 -4.59 6.09
C TRP A 79 7.30 -4.27 4.61
N SER A 80 6.26 -4.69 3.91
CA SER A 80 6.24 -4.62 2.42
C SER A 80 4.86 -4.38 1.87
N SER A 81 4.75 -3.57 0.80
CA SER A 81 3.52 -3.40 0.04
C SER A 81 3.25 -4.58 -0.94
N ALA A 82 4.11 -5.56 -1.07
CA ALA A 82 3.85 -6.75 -1.92
C ALA A 82 3.00 -7.71 -1.08
N MET A 83 1.71 -7.51 -1.10
CA MET A 83 0.85 -8.27 -0.20
C MET A 83 0.99 -9.77 -0.44
N GLU A 84 0.95 -10.18 -1.70
CA GLU A 84 0.96 -11.64 -2.00
C GLU A 84 2.26 -12.26 -1.53
N LEU A 85 3.42 -11.62 -1.74
CA LEU A 85 4.71 -12.15 -1.29
C LEU A 85 4.81 -12.19 0.24
N GLN A 86 4.27 -11.19 0.92
CA GLN A 86 4.29 -11.22 2.39
C GLN A 86 3.39 -12.38 2.86
N VAL A 87 2.19 -12.46 2.36
CA VAL A 87 1.23 -13.52 2.78
C VAL A 87 1.78 -14.89 2.40
N LYS A 88 2.53 -14.98 1.29
CA LYS A 88 3.16 -16.28 0.93
C LYS A 88 4.20 -16.65 1.97
N LEU A 89 5.13 -15.76 2.33
CA LEU A 89 6.13 -16.06 3.34
C LEU A 89 5.45 -16.43 4.69
N ALA A 90 4.48 -15.63 5.11
CA ALA A 90 3.88 -15.81 6.45
C ALA A 90 3.04 -17.07 6.49
N SER A 91 2.67 -17.67 5.34
CA SER A 91 1.90 -18.92 5.32
C SER A 91 2.76 -20.09 4.85
N GLU A 92 4.08 -19.95 4.91
CA GLU A 92 5.02 -21.02 4.52
C GLU A 92 6.09 -21.22 5.57
N GLY A 93 5.95 -20.67 6.78
CA GLY A 93 6.80 -21.02 7.92
C GLY A 93 7.83 -19.96 8.24
N TYR A 94 7.76 -18.81 7.62
CA TYR A 94 8.76 -17.76 7.83
C TYR A 94 8.38 -16.80 8.95
N ALA A 95 7.13 -16.80 9.43
CA ALA A 95 6.67 -15.79 10.40
C ALA A 95 6.67 -16.29 11.85
N LEU A 96 6.97 -15.42 12.77
CA LEU A 96 6.84 -15.68 14.22
C LEU A 96 5.41 -15.36 14.61
N PRO A 97 4.69 -16.31 15.18
CA PRO A 97 3.35 -16.04 15.66
C PRO A 97 3.39 -15.15 16.88
N TYR A 98 2.66 -14.05 16.80
CA TYR A 98 2.69 -13.01 17.86
C TYR A 98 1.40 -12.26 17.81
N ASP A 99 0.64 -12.34 18.92
CA ASP A 99 -0.68 -11.66 19.07
C ASP A 99 -0.45 -10.22 19.57
N SER A 100 -0.50 -9.24 18.68
CA SER A 100 -0.16 -7.83 19.00
C SER A 100 -1.21 -7.24 19.92
N PRO A 101 -0.83 -6.73 21.11
CA PRO A 101 -1.76 -6.06 21.98
C PRO A 101 -2.28 -4.74 21.39
N GLU A 102 -1.75 -4.25 20.28
CA GLU A 102 -2.23 -3.00 19.64
C GLU A 102 -3.25 -3.36 18.52
N ALA A 103 -3.43 -4.64 18.22
CA ALA A 103 -4.25 -5.09 17.08
C ALA A 103 -5.54 -5.73 17.55
N LYS A 104 -5.97 -5.53 18.80
CA LYS A 104 -7.17 -6.24 19.30
C LYS A 104 -8.38 -5.89 18.44
N ASN A 105 -8.53 -4.68 17.90
CA ASN A 105 -9.67 -4.33 17.03
C ASN A 105 -9.37 -4.40 15.54
N TRP A 106 -8.25 -5.00 15.12
CA TRP A 106 -8.04 -5.18 13.69
C TRP A 106 -9.17 -6.07 13.19
N PRO A 107 -9.72 -5.81 12.03
CA PRO A 107 -10.66 -6.76 11.44
C PRO A 107 -9.91 -8.02 11.01
N ALA A 108 -10.65 -9.11 11.02
CA ALA A 108 -10.01 -10.41 10.65
C ALA A 108 -9.34 -10.29 9.28
N ASN A 109 -9.87 -9.53 8.31
CA ASN A 109 -9.28 -9.40 6.98
C ASN A 109 -8.10 -8.47 6.93
N ALA A 110 -7.66 -7.95 8.09
CA ALA A 110 -6.46 -7.08 8.22
C ALA A 110 -5.32 -7.81 8.95
N ARG A 111 -5.43 -9.10 9.23
CA ARG A 111 -4.39 -9.86 9.96
C ARG A 111 -4.50 -11.32 9.53
N LEU A 112 -3.35 -11.93 9.38
CA LEU A 112 -3.25 -13.35 9.03
C LEU A 112 -3.24 -14.13 10.36
N GLY A 113 -4.33 -14.09 11.12
CA GLY A 113 -4.32 -14.60 12.50
C GLY A 113 -3.27 -13.88 13.37
N ASN A 114 -2.30 -14.63 13.86
CA ASN A 114 -1.18 -14.06 14.64
C ASN A 114 0.11 -14.04 13.81
N LEU A 115 0.02 -14.20 12.50
CA LEU A 115 1.24 -14.34 11.66
C LEU A 115 1.67 -13.06 10.99
N ALA A 116 0.75 -12.17 10.65
CA ALA A 116 1.10 -10.95 9.87
C ALA A 116 -0.02 -9.94 9.99
N TYR A 117 0.31 -8.66 9.87
CA TYR A 117 -0.63 -7.57 10.14
C TYR A 117 -0.61 -6.52 9.03
N SER A 118 -1.75 -5.97 8.75
CA SER A 118 -1.92 -4.74 7.93
C SER A 118 -1.41 -3.56 8.73
N THR A 119 -0.70 -2.66 8.10
CA THR A 119 -0.29 -1.37 8.71
C THR A 119 -0.85 -0.17 7.96
N THR A 120 -1.55 -0.37 6.87
CA THR A 120 -2.05 0.73 6.06
C THR A 120 -3.38 0.33 5.39
N LEU A 121 -4.10 1.32 4.91
CA LEU A 121 -5.34 1.09 4.10
C LEU A 121 -5.37 2.11 2.97
N GLU A 122 -4.69 1.80 1.87
CA GLU A 122 -4.32 2.84 0.88
C GLU A 122 -5.13 2.66 -0.39
N PRO A 123 -5.97 3.66 -0.71
CA PRO A 123 -6.85 3.55 -1.83
C PRO A 123 -6.23 3.84 -3.17
N ALA A 124 -6.65 3.09 -4.15
CA ALA A 124 -6.35 3.40 -5.55
C ALA A 124 -7.29 4.52 -6.01
N VAL A 125 -6.70 5.61 -6.48
CA VAL A 125 -7.41 6.88 -6.76
C VAL A 125 -7.19 7.28 -8.22
N VAL A 126 -7.84 8.36 -8.61
CA VAL A 126 -7.57 9.02 -9.91
C VAL A 126 -6.75 10.26 -9.58
N VAL A 127 -5.68 10.51 -10.31
CA VAL A 127 -4.99 11.80 -10.17
CA VAL A 127 -4.91 11.74 -10.20
C VAL A 127 -5.03 12.51 -11.52
N TYR A 128 -5.01 13.84 -11.48
CA TYR A 128 -5.19 14.58 -12.73
C TYR A 128 -4.51 15.93 -12.60
N ASN A 129 -4.19 16.53 -13.75
CA ASN A 129 -3.55 17.86 -13.81
C ASN A 129 -4.66 18.91 -13.94
N LYS A 130 -4.89 19.72 -12.91
CA LYS A 130 -5.99 20.71 -12.86
C LYS A 130 -5.90 21.81 -13.92
N ARG A 131 -4.71 22.03 -14.49
CA ARG A 131 -4.54 22.97 -15.63
C ARG A 131 -5.26 22.43 -16.85
N PHE A 132 -5.56 21.15 -16.95
CA PHE A 132 -6.10 20.53 -18.17
C PHE A 132 -7.47 19.88 -17.92
N LEU A 133 -7.74 19.35 -16.74
CA LEU A 133 -9.06 18.81 -16.36
C LEU A 133 -9.44 19.47 -15.05
N LYS A 134 -10.58 20.11 -14.99
CA LYS A 134 -11.09 20.72 -13.74
C LYS A 134 -11.77 19.65 -12.93
N PRO A 135 -11.79 19.80 -11.59
CA PRO A 135 -12.37 18.78 -10.74
C PRO A 135 -13.78 18.37 -11.18
N GLU A 136 -14.64 19.33 -11.56
CA GLU A 136 -16.04 18.99 -11.89
C GLU A 136 -16.12 18.08 -13.13
N GLU A 137 -15.10 17.92 -13.96
CA GLU A 137 -15.21 17.05 -15.15
C GLU A 137 -14.41 15.78 -14.97
N VAL A 138 -13.88 15.51 -13.77
CA VAL A 138 -13.17 14.23 -13.56
C VAL A 138 -14.17 13.29 -12.95
N PRO A 139 -14.56 12.27 -13.72
CA PRO A 139 -15.59 11.35 -13.27
C PRO A 139 -15.10 10.57 -12.04
N THR A 140 -16.02 10.13 -11.21
CA THR A 140 -15.63 9.35 -10.00
C THR A 140 -16.19 7.96 -10.11
N THR A 141 -16.52 7.53 -11.32
CA THR A 141 -16.92 6.12 -11.53
C THR A 141 -16.21 5.54 -12.74
N ARG A 142 -16.10 4.24 -12.79
CA ARG A 142 -15.43 3.55 -13.91
C ARG A 142 -16.21 3.77 -15.20
N GLU A 143 -17.54 3.71 -15.16
CA GLU A 143 -18.36 4.01 -16.36
C GLU A 143 -18.09 5.44 -16.81
N GLY A 144 -18.07 6.40 -15.89
CA GLY A 144 -17.78 7.82 -16.26
C GLY A 144 -16.41 7.99 -16.88
N LEU A 145 -15.41 7.36 -16.28
CA LEU A 145 -14.06 7.42 -16.85
C LEU A 145 -14.05 6.75 -18.23
N ALA A 146 -14.73 5.62 -18.45
CA ALA A 146 -14.75 5.00 -19.78
C ALA A 146 -15.31 6.00 -20.81
N ARG A 147 -16.29 6.80 -20.42
CA ARG A 147 -16.93 7.82 -21.31
CA ARG A 147 -16.91 7.79 -21.34
C ARG A 147 -15.93 8.94 -21.62
N LEU A 148 -15.31 9.52 -20.60
CA LEU A 148 -14.29 10.60 -20.77
C LEU A 148 -13.20 10.14 -21.78
N LEU A 149 -12.76 8.91 -21.64
CA LEU A 149 -11.69 8.37 -22.50
C LEU A 149 -12.15 8.07 -23.93
N GLN A 150 -13.42 8.27 -24.27
CA GLN A 150 -13.84 8.28 -25.72
C GLN A 150 -13.45 9.59 -26.38
N GLU A 151 -13.15 10.65 -25.65
CA GLU A 151 -12.92 11.99 -26.25
C GLU A 151 -11.57 12.06 -26.93
N PRO A 152 -11.49 12.51 -28.16
CA PRO A 152 -10.19 12.72 -28.81
C PRO A 152 -9.22 13.60 -28.01
N ARG A 153 -9.67 14.53 -27.18
CA ARG A 153 -8.73 15.35 -26.41
C ARG A 153 -8.00 14.45 -25.39
N MET A 154 -8.53 13.26 -25.09
CA MET A 154 -7.92 12.37 -24.06
C MET A 154 -6.95 11.34 -24.67
N ARG A 155 -6.85 11.26 -25.99
CA ARG A 155 -6.05 10.26 -26.69
C ARG A 155 -4.57 10.60 -26.40
N GLY A 156 -3.88 9.61 -25.84
CA GLY A 156 -2.49 9.73 -25.35
C GLY A 156 -2.36 10.55 -24.08
N ARG A 157 -3.42 10.80 -23.33
CA ARG A 157 -3.37 11.70 -22.18
C ARG A 157 -3.67 10.93 -20.92
N VAL A 158 -3.62 9.61 -20.98
CA VAL A 158 -3.98 8.76 -19.81
C VAL A 158 -2.81 7.85 -19.43
N ALA A 159 -2.60 7.67 -18.12
CA ALA A 159 -1.60 6.74 -17.57
C ALA A 159 -2.31 5.73 -16.66
N THR A 160 -1.80 4.50 -16.66
CA THR A 160 -2.14 3.53 -15.62
C THR A 160 -0.96 2.61 -15.42
N TRP A 161 -1.18 1.66 -14.57
CA TRP A 161 -0.16 0.60 -14.32
C TRP A 161 0.01 -0.31 -15.51
N ASP A 162 1.25 -0.79 -15.69
CA ASP A 162 1.54 -2.01 -16.45
C ASP A 162 1.50 -3.21 -15.51
N PRO A 163 0.42 -4.02 -15.50
CA PRO A 163 0.36 -5.15 -14.57
C PRO A 163 1.33 -6.31 -14.94
N GLU A 164 1.95 -6.19 -16.09
CA GLU A 164 2.97 -7.16 -16.59
C GLU A 164 4.36 -6.75 -16.10
N ARG A 165 4.54 -5.55 -15.61
CA ARG A 165 5.88 -5.03 -15.24
C ARG A 165 5.82 -4.53 -13.80
N SER A 166 4.67 -4.55 -13.13
CA SER A 166 4.54 -4.07 -11.75
C SER A 166 3.77 -5.09 -10.93
N ALA A 167 4.34 -5.63 -9.84
CA ALA A 167 3.56 -6.53 -8.96
C ALA A 167 2.41 -5.76 -8.30
N VAL A 168 2.66 -4.56 -7.80
CA VAL A 168 1.57 -3.85 -7.10
C VAL A 168 0.52 -3.46 -8.16
N GLY A 169 0.99 -3.02 -9.33
CA GLY A 169 0.07 -2.72 -10.44
C GLY A 169 -0.86 -3.91 -10.76
N PHE A 170 -0.30 -5.12 -10.90
CA PHE A 170 -1.08 -6.35 -11.05
C PHE A 170 -2.08 -6.48 -9.92
N THR A 171 -1.70 -6.35 -8.64
CA THR A 171 -2.60 -6.64 -7.53
C THR A 171 -3.79 -5.69 -7.63
N ILE A 172 -3.47 -4.40 -7.93
CA ILE A 172 -4.56 -3.40 -7.81
C ILE A 172 -5.50 -3.60 -9.02
N LEU A 173 -4.97 -3.74 -10.21
CA LEU A 173 -5.87 -3.87 -11.40
C LEU A 173 -6.63 -5.21 -11.34
N LYS A 174 -5.95 -6.27 -10.93
CA LYS A 174 -6.67 -7.56 -10.80
C LYS A 174 -7.83 -7.47 -9.76
N ALA A 175 -7.67 -6.76 -8.64
CA ALA A 175 -8.67 -6.52 -7.59
C ALA A 175 -9.88 -5.80 -8.18
N ASP A 176 -9.59 -4.84 -9.05
CA ASP A 176 -10.58 -4.06 -9.82
C ASP A 176 -11.36 -4.98 -10.74
N TYR A 177 -10.65 -5.70 -11.61
CA TYR A 177 -11.27 -6.67 -12.53
C TYR A 177 -12.14 -7.70 -11.80
N ASP A 178 -11.64 -8.29 -10.72
CA ASP A 178 -12.35 -9.34 -9.92
C ASP A 178 -13.61 -8.77 -9.27
N ARG A 179 -13.65 -7.48 -8.96
CA ARG A 179 -14.74 -6.90 -8.15
C ARG A 179 -15.75 -6.13 -9.00
N PHE A 180 -15.33 -5.39 -10.06
CA PHE A 180 -16.21 -4.40 -10.75
C PHE A 180 -16.36 -4.76 -12.22
N PRO A 181 -17.56 -5.20 -12.63
CA PRO A 181 -17.80 -5.38 -14.06
C PRO A 181 -17.47 -4.16 -14.97
N ALA A 182 -17.66 -2.93 -14.45
CA ALA A 182 -17.41 -1.71 -15.22
C ALA A 182 -15.91 -1.62 -15.55
N PHE A 183 -15.07 -2.29 -14.78
CA PHE A 183 -13.62 -2.31 -15.08
C PHE A 183 -13.37 -2.72 -16.52
N GLN A 184 -14.16 -3.66 -17.03
CA GLN A 184 -13.94 -4.20 -18.38
C GLN A 184 -14.20 -3.10 -19.41
N GLU A 185 -15.26 -2.30 -19.25
CA GLU A 185 -15.49 -1.15 -20.16
C GLU A 185 -14.31 -0.18 -20.06
N LEU A 186 -13.85 0.05 -18.84
CA LEU A 186 -12.78 1.03 -18.59
C LEU A 186 -11.48 0.51 -19.22
N ALA A 187 -11.22 -0.80 -19.14
CA ALA A 187 -9.97 -1.32 -19.77
C ALA A 187 -10.01 -1.12 -21.29
N ARG A 188 -11.16 -1.40 -21.88
CA ARG A 188 -11.37 -1.14 -23.32
C ARG A 188 -11.11 0.34 -23.64
N ALA A 189 -11.56 1.25 -22.79
CA ALA A 189 -11.37 2.70 -23.00
C ALA A 189 -9.92 3.09 -22.85
N PHE A 190 -9.16 2.42 -21.98
CA PHE A 190 -7.68 2.64 -22.01
C PHE A 190 -7.08 2.28 -23.36
N GLY A 191 -7.61 1.28 -24.07
CA GLY A 191 -7.20 0.93 -25.43
C GLY A 191 -7.55 2.09 -26.39
N LYS A 192 -8.79 2.55 -26.29
CA LYS A 192 -9.32 3.64 -27.15
C LYS A 192 -8.46 4.91 -26.98
N ALA A 193 -8.16 5.24 -25.76
CA ALA A 193 -7.40 6.44 -25.38
C ALA A 193 -5.89 6.24 -25.56
N GLN A 194 -5.44 5.04 -25.95
CA GLN A 194 -3.99 4.71 -26.12
C GLN A 194 -3.25 5.00 -24.80
N ALA A 195 -3.80 4.54 -23.68
CA ALA A 195 -3.21 4.64 -22.33
C ALA A 195 -1.74 4.21 -22.33
N ALA A 196 -0.92 5.01 -21.69
CA ALA A 196 0.49 4.65 -21.48
C ALA A 196 0.58 3.91 -20.15
N LEU A 197 1.36 2.80 -20.11
CA LEU A 197 1.39 1.88 -18.96
C LEU A 197 2.76 2.01 -18.29
N TYR A 198 2.74 2.14 -16.98
CA TYR A 198 3.98 2.47 -16.20
C TYR A 198 4.21 1.36 -15.19
N SER A 199 5.51 1.07 -14.97
CA SER A 199 5.97 0.14 -13.93
C SER A 199 6.14 0.91 -12.64
N SER A 200 6.08 2.25 -12.62
CA SER A 200 6.12 2.95 -11.30
C SER A 200 5.24 4.19 -11.28
N ALA A 201 4.80 4.57 -10.10
CA ALA A 201 4.05 5.81 -9.91
C ALA A 201 4.92 6.99 -10.26
N GLY A 202 6.22 6.98 -9.89
CA GLY A 202 7.02 8.15 -10.21
C GLY A 202 7.03 8.44 -11.70
N ALA A 203 7.13 7.41 -12.53
CA ALA A 203 7.32 7.61 -13.99
C ALA A 203 5.97 8.13 -14.51
N ALA A 204 4.88 7.61 -13.95
CA ALA A 204 3.50 7.97 -14.42
C ALA A 204 3.20 9.43 -14.03
N PHE A 205 3.51 9.79 -12.80
CA PHE A 205 3.23 11.16 -12.27
C PHE A 205 4.06 12.22 -12.96
N GLU A 206 5.28 11.91 -13.43
CA GLU A 206 6.10 12.91 -14.12
C GLU A 206 5.33 13.51 -15.30
N LYS A 207 4.68 12.64 -16.05
CA LYS A 207 3.99 12.93 -17.31
C LYS A 207 2.70 13.69 -16.97
N VAL A 208 2.03 13.32 -15.89
CA VAL A 208 0.79 14.05 -15.47
C VAL A 208 1.15 15.47 -15.00
N ILE A 209 2.26 15.62 -14.25
CA ILE A 209 2.71 16.94 -13.76
C ILE A 209 3.13 17.79 -14.97
N SER A 210 3.81 17.25 -15.98
CA SER A 210 4.24 18.02 -17.18
C SER A 210 3.05 18.34 -18.09
N GLY A 211 1.91 17.69 -17.92
CA GLY A 211 0.78 17.88 -18.83
C GLY A 211 0.92 17.01 -20.07
N GLU A 212 1.95 16.16 -20.21
CA GLU A 212 1.98 15.16 -21.29
C GLU A 212 0.84 14.12 -21.11
N HIS A 213 0.42 13.83 -19.89
CA HIS A 213 -0.84 13.12 -19.59
C HIS A 213 -1.67 14.08 -18.75
N TYR A 214 -3.00 13.95 -18.78
CA TYR A 214 -3.89 14.77 -17.96
C TYR A 214 -4.38 13.99 -16.74
N LEU A 215 -4.40 12.66 -16.83
CA LEU A 215 -5.07 11.80 -15.84
C LEU A 215 -4.32 10.48 -15.73
N ALA A 216 -4.31 9.96 -14.53
CA ALA A 216 -3.73 8.64 -14.23
C ALA A 216 -4.67 7.87 -13.31
N TYR A 217 -4.84 6.60 -13.62
CA TYR A 217 -5.79 5.71 -12.93
C TYR A 217 -5.06 4.61 -12.16
N GLY A 218 -5.38 4.43 -10.88
CA GLY A 218 -5.02 3.21 -10.15
C GLY A 218 -3.80 3.37 -9.25
N PHE A 219 -3.21 4.55 -9.23
CA PHE A 219 -2.07 4.86 -8.35
C PHE A 219 -2.64 5.16 -6.97
N PHE A 220 -1.77 5.09 -5.98
CA PHE A 220 -2.28 5.11 -4.58
C PHE A 220 -2.34 6.52 -4.03
N GLY A 221 -3.33 6.67 -3.17
CA GLY A 221 -3.57 7.96 -2.56
C GLY A 221 -2.45 8.46 -1.69
N SER A 222 -1.68 7.59 -1.02
CA SER A 222 -0.53 8.00 -0.21
C SER A 222 0.49 8.82 -1.03
N TYR A 223 0.89 8.25 -2.16
CA TYR A 223 1.89 8.91 -3.04
C TYR A 223 1.29 10.15 -3.66
N ALA A 224 0.02 10.09 -4.01
CA ALA A 224 -0.66 11.27 -4.59
C ALA A 224 -0.69 12.42 -3.58
N LEU A 225 -1.04 12.19 -2.32
CA LEU A 225 -1.00 13.25 -1.29
C LEU A 225 0.43 13.76 -1.13
N LEU A 226 1.40 12.89 -1.10
CA LEU A 226 2.80 13.31 -0.93
C LEU A 226 3.21 14.19 -2.10
N ARG A 227 2.90 13.81 -3.35
CA ARG A 227 3.27 14.72 -4.46
C ARG A 227 2.51 16.05 -4.41
N GLN A 228 1.22 16.02 -4.02
CA GLN A 228 0.31 17.20 -3.96
C GLN A 228 0.81 18.20 -2.92
N ARG A 229 1.53 17.76 -1.90
CA ARG A 229 2.05 18.70 -0.86
CA ARG A 229 2.15 18.63 -0.84
C ARG A 229 2.90 19.75 -1.55
N THR A 230 3.63 19.42 -2.63
CA THR A 230 4.45 20.45 -3.36
C THR A 230 4.04 20.74 -4.80
N VAL A 231 3.10 20.00 -5.40
CA VAL A 231 2.56 20.26 -6.77
C VAL A 231 1.07 20.61 -6.63
N LYS A 232 0.79 21.91 -6.65
CA LYS A 232 -0.57 22.43 -6.42
C LYS A 232 -1.46 22.17 -7.66
N ASP A 233 -0.92 21.81 -8.83
CA ASP A 233 -1.74 21.49 -10.04
C ASP A 233 -2.24 20.04 -9.99
N LEU A 234 -1.83 19.23 -9.02
CA LEU A 234 -2.26 17.82 -8.96
CA LEU A 234 -2.24 17.81 -8.95
C LEU A 234 -3.56 17.69 -8.22
N GLY A 235 -4.58 17.13 -8.87
CA GLY A 235 -5.86 16.84 -8.22
C GLY A 235 -5.99 15.35 -7.98
N ILE A 236 -6.74 15.01 -6.94
CA ILE A 236 -7.09 13.63 -6.56
C ILE A 236 -8.60 13.51 -6.61
N ALA A 237 -9.10 12.46 -7.24
CA ALA A 237 -10.51 12.08 -7.16
C ALA A 237 -10.58 10.69 -6.62
N TYR A 238 -11.60 10.45 -5.82
CA TYR A 238 -11.85 9.14 -5.20
C TYR A 238 -13.08 8.51 -5.90
N LEU A 239 -12.98 7.25 -6.18
CA LEU A 239 -14.05 6.55 -6.90
C LEU A 239 -15.20 6.27 -5.94
N THR A 240 -16.39 6.65 -6.37
CA THR A 240 -17.61 6.53 -5.54
C THR A 240 -18.41 5.29 -5.97
N ASP A 241 -18.02 4.58 -7.01
CA ASP A 241 -18.70 3.32 -7.40
C ASP A 241 -17.98 2.19 -6.70
N GLY A 242 -16.90 2.43 -6.01
CA GLY A 242 -16.22 1.36 -5.28
C GLY A 242 -14.71 1.59 -5.39
N THR A 243 -14.03 1.63 -4.27
CA THR A 243 -12.57 1.86 -4.24
C THR A 243 -11.88 0.60 -3.71
N VAL A 244 -10.79 0.27 -4.31
CA VAL A 244 -9.96 -0.88 -3.89
CA VAL A 244 -10.00 -0.89 -3.85
C VAL A 244 -8.80 -0.31 -3.09
N ALA A 245 -8.39 -0.97 -2.01
CA ALA A 245 -7.28 -0.45 -1.18
C ALA A 245 -6.28 -1.55 -0.85
N ILE A 246 -5.00 -1.22 -0.88
CA ILE A 246 -3.94 -2.18 -0.55
C ILE A 246 -3.58 -1.95 0.92
N GLN A 247 -2.90 -2.94 1.48
CA GLN A 247 -2.49 -2.91 2.89
C GLN A 247 -1.01 -3.32 2.94
N ARG A 248 -0.15 -2.46 3.46
CA ARG A 248 1.27 -2.83 3.62
C ARG A 248 1.34 -3.84 4.78
N VAL A 249 1.97 -4.97 4.55
CA VAL A 249 1.96 -6.11 5.53
C VAL A 249 3.27 -6.14 6.29
N ALA A 250 3.20 -6.25 7.59
CA ALA A 250 4.34 -6.48 8.48
C ALA A 250 4.24 -7.83 9.18
N PHE A 251 5.39 -8.50 9.28
CA PHE A 251 5.50 -9.75 10.07
C PHE A 251 6.90 -9.86 10.63
N ILE A 252 6.98 -10.64 11.72
CA ILE A 252 8.26 -10.85 12.44
C ILE A 252 8.86 -12.14 11.91
N ASN A 253 10.16 -12.10 11.57
CA ASN A 253 10.89 -13.32 11.14
C ASN A 253 10.83 -14.36 12.29
N LYS A 254 10.36 -15.56 11.98
CA LYS A 254 10.39 -16.73 12.89
C LYS A 254 11.80 -16.87 13.48
N ARG A 255 12.79 -16.72 12.64
CA ARG A 255 14.21 -16.92 13.05
C ARG A 255 14.89 -15.57 13.38
N ALA A 256 14.15 -14.52 13.71
CA ALA A 256 14.71 -13.22 14.18
C ALA A 256 15.73 -13.49 15.27
N ALA A 257 16.88 -12.83 15.16
CA ALA A 257 17.86 -12.73 16.25
C ALA A 257 17.28 -11.82 17.35
N HIS A 258 16.48 -10.80 17.00
CA HIS A 258 15.94 -9.87 18.03
C HIS A 258 14.41 -9.85 17.96
N PRO A 259 13.74 -10.97 18.29
CA PRO A 259 12.30 -11.04 18.13
C PRO A 259 11.57 -10.04 19.03
N ASN A 260 12.08 -9.73 20.23
CA ASN A 260 11.35 -8.88 21.19
C ASN A 260 11.41 -7.42 20.71
N ALA A 261 12.58 -6.99 20.22
CA ALA A 261 12.68 -5.70 19.54
C ALA A 261 11.66 -5.63 18.38
N ALA A 262 11.56 -6.67 17.57
CA ALA A 262 10.61 -6.71 16.44
C ALA A 262 9.17 -6.58 16.99
N LYS A 263 8.83 -7.28 18.07
CA LYS A 263 7.49 -7.15 18.67
C LYS A 263 7.24 -5.69 19.03
N LEU A 264 8.19 -5.02 19.70
CA LEU A 264 7.98 -3.60 20.07
C LEU A 264 7.71 -2.74 18.84
N PHE A 265 8.48 -2.95 17.78
CA PHE A 265 8.37 -2.16 16.54
C PHE A 265 7.01 -2.44 15.88
N LEU A 266 6.63 -3.71 15.76
CA LEU A 266 5.29 -4.06 15.22
C LEU A 266 4.20 -3.36 16.03
N ASP A 267 4.25 -3.45 17.35
CA ASP A 267 3.21 -2.85 18.21
C ASP A 267 3.20 -1.35 17.94
N TYR A 268 4.35 -0.71 17.85
CA TYR A 268 4.47 0.73 17.58
C TYR A 268 3.79 1.05 16.26
N LEU A 269 4.10 0.31 15.20
CA LEU A 269 3.52 0.60 13.86
C LEU A 269 2.00 0.52 13.91
N LEU A 270 1.43 -0.39 14.69
CA LEU A 270 -0.05 -0.59 14.76
C LEU A 270 -0.70 0.36 15.73
N SER A 271 0.07 0.90 16.67
CA SER A 271 -0.50 1.76 17.74
C SER A 271 -1.06 3.04 17.13
N LEU A 272 -1.97 3.68 17.84
CA LEU A 272 -2.44 5.03 17.47
C LEU A 272 -1.29 6.00 17.35
N ARG A 273 -0.29 5.95 18.26
CA ARG A 273 0.85 6.91 18.13
C ARG A 273 1.56 6.76 16.77
N GLY A 274 1.87 5.53 16.37
CA GLY A 274 2.61 5.28 15.12
C GLY A 274 1.74 5.54 13.90
N GLN A 275 0.49 5.09 13.94
CA GLN A 275 -0.43 5.29 12.82
C GLN A 275 -0.73 6.79 12.63
N ASN A 276 -0.91 7.56 13.71
CA ASN A 276 -1.10 9.02 13.65
C ASN A 276 0.10 9.64 12.95
N LEU A 277 1.27 9.26 13.40
CA LEU A 277 2.52 9.89 12.91
C LEU A 277 2.73 9.51 11.46
N MET A 278 2.44 8.27 11.10
CA MET A 278 2.53 7.85 9.69
C MET A 278 1.55 8.64 8.79
N ALA A 279 0.31 8.85 9.20
CA ALA A 279 -0.64 9.63 8.41
C ALA A 279 -0.17 11.06 8.31
N TYR A 280 0.25 11.63 9.43
CA TYR A 280 0.50 13.08 9.55
C TYR A 280 1.79 13.43 8.82
N THR A 281 2.87 12.69 9.03
CA THR A 281 4.22 13.07 8.52
C THR A 281 4.49 12.42 7.16
N ALA A 282 4.07 11.20 6.97
CA ALA A 282 4.44 10.46 5.74
C ALA A 282 3.34 10.55 4.71
N LEU A 283 2.12 10.96 5.11
CA LEU A 283 0.89 10.98 4.27
C LEU A 283 0.57 9.59 3.74
N ILE A 284 0.92 8.55 4.50
CA ILE A 284 0.56 7.15 4.19
C ILE A 284 -0.76 6.86 4.90
N PHE A 285 -1.74 6.43 4.12
CA PHE A 285 -3.14 6.22 4.61
C PHE A 285 -3.08 5.16 5.67
N ALA A 286 -3.45 5.52 6.90
CA ALA A 286 -3.43 4.64 8.10
C ALA A 286 -4.44 3.50 7.97
N ARG A 287 -4.18 2.42 8.66
CA ARG A 287 -5.09 1.31 8.87
C ARG A 287 -6.06 1.64 10.02
N ARG A 288 -5.58 2.25 11.10
CA ARG A 288 -6.32 2.36 12.37
C ARG A 288 -7.47 3.35 12.23
N GLU A 289 -8.65 2.96 12.65
CA GLU A 289 -9.87 3.74 12.25
C GLU A 289 -10.02 5.02 13.05
N THR A 290 -9.24 5.16 14.09
CA THR A 290 -9.36 6.28 15.07
C THR A 290 -8.37 7.39 14.67
N VAL A 291 -7.63 7.26 13.57
CA VAL A 291 -6.66 8.34 13.21
C VAL A 291 -7.41 9.54 12.62
N VAL A 292 -7.01 10.73 12.97
CA VAL A 292 -7.67 11.97 12.45
C VAL A 292 -6.77 12.60 11.40
N GLY A 293 -7.29 12.86 10.22
CA GLY A 293 -6.50 13.64 9.24
C GLY A 293 -6.85 13.21 7.85
N GLU A 294 -6.18 13.74 6.84
CA GLU A 294 -6.60 13.44 5.46
C GLU A 294 -6.29 11.99 5.05
N ALA A 295 -5.12 11.47 5.42
CA ALA A 295 -4.64 10.11 4.99
C ALA A 295 -5.12 9.07 6.01
N THR A 296 -6.43 8.90 6.09
CA THR A 296 -7.02 8.08 7.18
C THR A 296 -8.28 7.39 6.69
N PRO A 297 -8.68 6.27 7.33
CA PRO A 297 -9.92 5.59 6.92
C PRO A 297 -11.13 6.52 6.99
N GLN A 298 -11.23 7.33 8.05
CA GLN A 298 -12.46 8.16 8.18
C GLN A 298 -12.56 9.18 7.03
N ALA A 299 -11.47 9.74 6.61
CA ALA A 299 -11.44 10.67 5.44
C ALA A 299 -11.76 9.89 4.18
N LEU A 300 -11.14 8.72 3.97
CA LEU A 300 -11.37 7.87 2.79
C LEU A 300 -12.89 7.57 2.70
N TYR A 301 -13.46 7.11 3.78
CA TYR A 301 -14.89 6.70 3.79
C TYR A 301 -15.74 7.92 3.46
N LYS A 302 -15.46 9.09 4.02
CA LYS A 302 -16.22 10.32 3.63
C LYS A 302 -16.09 10.58 2.12
N ALA A 303 -14.90 10.47 1.54
CA ALA A 303 -14.61 10.78 0.13
C ALA A 303 -15.33 9.84 -0.81
N VAL A 304 -15.48 8.55 -0.47
CA VAL A 304 -16.09 7.58 -1.39
C VAL A 304 -17.58 7.45 -1.13
N GLY A 305 -18.11 7.99 -0.06
CA GLY A 305 -19.55 7.91 0.24
C GLY A 305 -19.90 6.73 1.12
N GLY A 306 -18.96 6.21 1.86
CA GLY A 306 -19.22 5.24 2.93
C GLY A 306 -18.22 4.12 2.98
N LYS A 307 -18.04 3.61 4.18
CA LYS A 307 -17.12 2.49 4.36
C LYS A 307 -17.47 1.34 3.45
N ASP A 308 -18.77 1.09 3.24
CA ASP A 308 -19.19 -0.05 2.40
C ASP A 308 -18.65 0.07 0.97
N LYS A 309 -18.19 1.25 0.51
CA LYS A 309 -17.69 1.44 -0.87
C LYS A 309 -16.14 1.21 -0.91
N VAL A 310 -15.50 0.80 0.19
CA VAL A 310 -14.05 0.45 0.17
C VAL A 310 -13.87 -1.04 0.27
N TYR A 311 -13.21 -1.64 -0.72
CA TYR A 311 -12.84 -3.06 -0.71
C TYR A 311 -11.36 -3.11 -0.34
N ALA A 312 -11.03 -3.53 0.84
CA ALA A 312 -9.64 -3.77 1.26
C ALA A 312 -9.19 -5.11 0.66
N ILE A 313 -8.07 -5.11 -0.04
CA ILE A 313 -7.48 -6.40 -0.43
C ILE A 313 -7.03 -7.05 0.86
N PRO A 314 -7.53 -8.23 1.19
CA PRO A 314 -7.30 -8.77 2.54
C PRO A 314 -5.91 -9.31 2.78
N VAL A 315 -5.49 -9.27 4.06
CA VAL A 315 -4.24 -9.88 4.53
C VAL A 315 -4.60 -11.36 4.79
N SER A 316 -4.76 -12.10 3.72
CA SER A 316 -5.36 -13.46 3.73
C SER A 316 -4.72 -14.30 2.62
N THR A 317 -4.56 -15.58 2.90
CA THR A 317 -4.09 -16.55 1.87
C THR A 317 -5.04 -16.59 0.67
N GLU A 318 -6.26 -16.06 0.77
CA GLU A 318 -7.16 -16.02 -0.41
C GLU A 318 -6.51 -15.23 -1.55
N ILE A 319 -5.63 -14.30 -1.24
CA ILE A 319 -5.06 -13.40 -2.31
C ILE A 319 -4.00 -14.18 -3.08
N LEU A 320 -3.59 -15.37 -2.62
CA LEU A 320 -2.56 -16.11 -3.33
C LEU A 320 -3.19 -16.64 -4.64
N LYS A 321 -4.48 -16.53 -4.87
CA LYS A 321 -4.99 -16.91 -6.23
C LYS A 321 -4.31 -16.01 -7.30
N ASN A 322 -3.88 -14.84 -6.89
CA ASN A 322 -3.17 -13.90 -7.81
C ASN A 322 -1.87 -14.49 -8.26
N LEU A 323 -1.36 -15.53 -7.61
CA LEU A 323 -0.09 -16.16 -8.07
C LEU A 323 -0.39 -17.40 -8.89
N ASP A 324 -1.63 -17.81 -9.00
CA ASP A 324 -2.01 -19.04 -9.73
C ASP A 324 -1.85 -18.74 -11.23
N PRO A 325 -1.10 -19.55 -11.99
CA PRO A 325 -0.90 -19.19 -13.40
C PRO A 325 -2.17 -19.11 -14.27
N ALA A 326 -3.18 -19.97 -14.04
CA ALA A 326 -4.44 -19.92 -14.84
C ALA A 326 -5.19 -18.62 -14.55
N GLU A 327 -5.22 -18.21 -13.30
CA GLU A 327 -5.94 -16.97 -12.90
C GLU A 327 -5.20 -15.78 -13.53
N ARG A 328 -3.90 -15.78 -13.44
CA ARG A 328 -3.07 -14.71 -14.03
C ARG A 328 -3.29 -14.65 -15.54
N MET A 329 -3.33 -15.81 -16.19
CA MET A 329 -3.44 -15.87 -17.68
C MET A 329 -4.81 -15.32 -18.10
N ARG A 330 -5.89 -15.63 -17.39
CA ARG A 330 -7.26 -15.13 -17.72
C ARG A 330 -7.35 -13.60 -17.61
N PHE A 331 -6.78 -13.03 -16.55
CA PHE A 331 -6.80 -11.56 -16.37
C PHE A 331 -5.92 -10.92 -17.43
N LEU A 332 -4.69 -11.41 -17.58
CA LEU A 332 -3.71 -10.73 -18.45
C LEU A 332 -4.14 -10.87 -19.91
N THR A 333 -4.82 -11.94 -20.28
CA THR A 333 -5.17 -12.06 -21.72
C THR A 333 -6.36 -11.07 -21.95
N PHE A 334 -7.29 -10.92 -21.00
CA PHE A 334 -8.35 -9.88 -21.06
C PHE A 334 -7.68 -8.50 -21.20
N TRP A 335 -6.75 -8.21 -20.32
CA TRP A 335 -6.10 -6.90 -20.19
C TRP A 335 -5.39 -6.57 -21.47
N ARG A 336 -4.62 -7.50 -21.98
CA ARG A 336 -3.76 -7.14 -23.12
C ARG A 336 -4.60 -6.87 -24.37
N GLN A 337 -5.67 -7.62 -24.50
CA GLN A 337 -6.61 -7.42 -25.63
C GLN A 337 -7.34 -6.09 -25.49
N ALA A 338 -7.75 -5.71 -24.29
CA ALA A 338 -8.55 -4.50 -24.07
C ALA A 338 -7.67 -3.27 -24.29
N VAL A 339 -6.40 -3.26 -23.81
CA VAL A 339 -5.61 -2.01 -23.73
C VAL A 339 -4.76 -1.84 -24.99
N ARG A 340 -4.58 -2.84 -25.83
CA ARG A 340 -3.71 -2.66 -27.03
C ARG A 340 -4.58 -2.60 -28.30
#